data_5X0G
#
_entry.id   5X0G
#
_cell.length_a   39.766
_cell.length_b   69.745
_cell.length_c   87.159
_cell.angle_alpha   90.00
_cell.angle_beta   90.00
_cell.angle_gamma   90.00
#
_symmetry.space_group_name_H-M   'P 21 21 2'
#
loop_
_entity.id
_entity.type
_entity.pdbx_description
1 polymer 'Free serine kinase'
2 non-polymer 'ADENOSINE MONOPHOSPHATE'
3 non-polymer "ADENOSINE-5'-DIPHOSPHATE"
4 non-polymer '2-hydroxy-3-[4-(2-hydroxy-3-sulfopropyl)piperazin-1-yl]propane-1-sulfonic acid'
5 water water
#
_entity_poly.entity_id   1
_entity_poly.type   'polypeptide(L)'
_entity_poly.pdbx_seq_one_letter_code
;MGVEKVPKYDIPTKKVDYVFIELDKMKPHAQLVQKELEAFIESVTGSGIFWKPMLLAKVPGEDMYLIVDGHHRWAGLQKL
GAKRAPSVILDYFSDDVKVYTWYPAFKGDLNEVVERLKKEGLEVIEDPEAEEKAERGEIAFALVGEKSFAIPGGLEEQKK
VSKVLDEMSVEGKIELIYYGLKEDAREDMAKGEIDYVFIRKAPTKEEVMELVKRGEVYSPKTTRHVLPFNPDKIDVKLEE
LF
;
_entity_poly.pdbx_strand_id   A
#
# COMPACT_ATOMS: atom_id res chain seq x y z
N VAL A 3 8.34 -5.42 6.03
CA VAL A 3 7.80 -6.47 6.95
C VAL A 3 6.38 -6.08 7.38
N GLU A 4 5.47 -7.07 7.40
CA GLU A 4 4.04 -6.85 7.65
C GLU A 4 3.52 -7.64 8.85
N LYS A 5 2.70 -6.98 9.70
CA LYS A 5 1.97 -7.64 10.78
C LYS A 5 0.46 -7.46 10.59
N VAL A 6 -0.23 -8.55 10.23
CA VAL A 6 -1.68 -8.54 9.96
C VAL A 6 -2.42 -9.27 11.09
N PRO A 7 -3.65 -8.80 11.44
CA PRO A 7 -4.39 -9.34 12.59
C PRO A 7 -5.22 -10.64 12.37
N LYS A 8 -4.62 -11.64 11.71
CA LYS A 8 -5.21 -12.99 11.58
C LYS A 8 -6.58 -12.99 10.91
N TYR A 9 -6.65 -12.31 9.78
CA TYR A 9 -7.90 -12.16 9.04
C TYR A 9 -8.25 -13.48 8.37
N ASP A 10 -9.29 -14.14 8.87
CA ASP A 10 -9.86 -15.30 8.21
C ASP A 10 -10.67 -14.81 7.02
N ILE A 11 -10.00 -14.73 5.87
CA ILE A 11 -10.65 -14.36 4.61
C ILE A 11 -10.82 -15.64 3.80
N PRO A 12 -12.05 -15.92 3.33
CA PRO A 12 -12.26 -17.16 2.60
C PRO A 12 -11.66 -17.13 1.19
N THR A 13 -11.12 -18.25 0.77
CA THR A 13 -10.80 -18.48 -0.64
C THR A 13 -12.12 -18.81 -1.34
N LYS A 14 -12.35 -18.16 -2.47
CA LYS A 14 -13.49 -18.45 -3.33
C LYS A 14 -12.99 -18.67 -4.75
N LYS A 15 -13.67 -19.60 -5.43
CA LYS A 15 -13.34 -19.99 -6.80
C LYS A 15 -14.07 -19.05 -7.75
N VAL A 16 -13.40 -17.92 -8.02
CA VAL A 16 -13.94 -16.90 -8.91
C VAL A 16 -13.11 -16.97 -10.18
N ASP A 17 -13.77 -17.09 -11.33
CA ASP A 17 -13.05 -17.20 -12.60
C ASP A 17 -12.33 -15.88 -12.90
N TYR A 18 -11.31 -15.96 -13.74
CA TYR A 18 -10.57 -14.78 -14.15
C TYR A 18 -10.98 -14.38 -15.55
N VAL A 19 -10.69 -13.13 -15.89
CA VAL A 19 -10.81 -12.62 -17.26
C VAL A 19 -9.49 -11.93 -17.62
N PHE A 20 -9.03 -12.10 -18.87
CA PHE A 20 -7.83 -11.42 -19.31
C PHE A 20 -8.16 -9.96 -19.58
N ILE A 21 -7.39 -9.06 -18.99
CA ILE A 21 -7.53 -7.63 -19.15
C ILE A 21 -6.19 -7.09 -19.60
N GLU A 22 -6.22 -6.21 -20.60
CA GLU A 22 -4.97 -5.64 -21.11
C GLU A 22 -4.34 -4.74 -20.05
N LEU A 23 -3.02 -4.83 -19.92
CA LEU A 23 -2.27 -4.14 -18.87
C LEU A 23 -2.37 -2.63 -19.02
N ASP A 24 -2.46 -2.16 -20.26
CA ASP A 24 -2.62 -0.72 -20.49
C ASP A 24 -4.02 -0.19 -20.11
N LYS A 25 -4.97 -1.08 -19.77
CA LYS A 25 -6.27 -0.66 -19.25
C LYS A 25 -6.31 -0.56 -17.70
N MET A 26 -5.19 -0.82 -17.05
CA MET A 26 -5.08 -0.87 -15.60
C MET A 26 -4.31 0.34 -15.08
N LYS A 27 -4.84 0.96 -14.04
CA LYS A 27 -4.29 2.17 -13.48
C LYS A 27 -3.78 1.91 -12.07
N PRO A 28 -2.48 2.18 -11.80
CA PRO A 28 -1.98 2.02 -10.44
C PRO A 28 -2.46 3.12 -9.51
N HIS A 29 -2.57 2.83 -8.22
CA HIS A 29 -2.84 3.82 -7.19
C HIS A 29 -1.70 3.99 -6.21
N ALA A 30 -0.62 3.23 -6.39
CA ALA A 30 0.54 3.31 -5.53
C ALA A 30 1.84 3.34 -6.32
N GLN A 31 2.80 4.08 -5.78
CA GLN A 31 4.18 4.04 -6.28
C GLN A 31 4.70 2.61 -6.16
N LEU A 32 5.51 2.19 -7.12
CA LEU A 32 6.07 0.83 -7.07
C LEU A 32 7.26 0.78 -6.10
N VAL A 33 7.70 -0.44 -5.80
CA VAL A 33 8.82 -0.75 -4.91
C VAL A 33 9.63 -1.69 -5.79
N GLN A 34 10.83 -1.27 -6.15
CA GLN A 34 11.61 -1.98 -7.17
C GLN A 34 11.95 -3.40 -6.77
N LYS A 35 12.20 -3.58 -5.47
CA LYS A 35 12.49 -4.89 -4.88
C LYS A 35 11.31 -5.85 -5.11
N GLU A 36 10.08 -5.37 -4.95
CA GLU A 36 8.90 -6.23 -5.16
C GLU A 36 8.65 -6.53 -6.63
N LEU A 37 8.83 -5.51 -7.47
CA LEU A 37 8.80 -5.67 -8.93
C LEU A 37 9.80 -6.74 -9.39
N GLU A 38 11.02 -6.66 -8.87
CA GLU A 38 12.10 -7.60 -9.21
C GLU A 38 11.80 -9.03 -8.77
N ALA A 39 11.33 -9.19 -7.52
CA ALA A 39 10.95 -10.51 -6.98
C ALA A 39 9.86 -11.17 -7.83
N PHE A 40 8.83 -10.40 -8.20
CA PHE A 40 7.82 -10.94 -9.10
C PHE A 40 8.41 -11.39 -10.45
N ILE A 41 9.26 -10.57 -11.05
CA ILE A 41 9.86 -10.92 -12.35
C ILE A 41 10.64 -12.25 -12.25
N GLU A 42 11.44 -12.40 -11.20
CA GLU A 42 12.18 -13.65 -11.00
C GLU A 42 11.25 -14.83 -10.83
N SER A 43 10.18 -14.61 -10.07
CA SER A 43 9.25 -15.67 -9.75
C SER A 43 8.49 -16.15 -10.98
N VAL A 44 7.86 -15.22 -11.70
CA VAL A 44 7.05 -15.61 -12.87
C VAL A 44 7.89 -16.21 -13.99
N THR A 45 9.06 -15.65 -14.26
CA THR A 45 9.95 -16.19 -15.31
C THR A 45 10.56 -17.52 -14.86
N GLY A 46 10.68 -17.74 -13.55
CA GLY A 46 11.23 -18.99 -13.05
C GLY A 46 10.29 -20.15 -13.33
N SER A 47 9.03 -20.02 -12.93
CA SER A 47 8.06 -21.10 -13.06
C SER A 47 7.36 -21.10 -14.42
N GLY A 48 7.17 -19.93 -15.00
CA GLY A 48 6.37 -19.79 -16.22
C GLY A 48 4.86 -19.88 -16.03
N ILE A 49 4.41 -19.80 -14.77
CA ILE A 49 3.00 -19.89 -14.41
C ILE A 49 2.66 -18.61 -13.67
N PHE A 50 1.52 -18.02 -14.02
CA PHE A 50 0.96 -16.86 -13.36
C PHE A 50 -0.25 -17.41 -12.62
N TRP A 51 -0.12 -17.55 -11.30
CA TRP A 51 -1.08 -18.30 -10.48
C TRP A 51 -2.03 -17.47 -9.61
N LYS A 52 -1.87 -16.14 -9.62
CA LYS A 52 -2.53 -15.24 -8.66
C LYS A 52 -3.17 -14.06 -9.44
N PRO A 53 -4.48 -14.13 -9.73
CA PRO A 53 -5.03 -13.09 -10.63
C PRO A 53 -4.97 -11.68 -10.01
N MET A 54 -4.87 -10.66 -10.87
N MET A 54 -4.88 -10.65 -10.85
CA MET A 54 -5.04 -9.25 -10.48
CA MET A 54 -5.03 -9.28 -10.41
C MET A 54 -6.40 -9.10 -9.78
C MET A 54 -6.41 -9.09 -9.79
N LEU A 55 -6.52 -8.16 -8.85
CA LEU A 55 -7.83 -7.70 -8.34
C LEU A 55 -8.06 -6.28 -8.87
N LEU A 56 -9.12 -6.12 -9.67
CA LEU A 56 -9.43 -4.85 -10.33
C LEU A 56 -10.80 -4.33 -9.95
N ALA A 57 -10.95 -3.02 -10.11
CA ALA A 57 -12.22 -2.32 -9.97
C ALA A 57 -12.42 -1.41 -11.18
N LYS A 58 -13.60 -1.50 -11.80
CA LYS A 58 -13.94 -0.67 -12.97
C LYS A 58 -13.91 0.81 -12.59
N VAL A 59 -13.23 1.63 -13.38
CA VAL A 59 -13.20 3.08 -13.13
C VAL A 59 -14.49 3.67 -13.66
N PRO A 60 -15.32 4.28 -12.79
CA PRO A 60 -16.56 4.92 -13.29
C PRO A 60 -16.23 5.97 -14.34
N GLY A 61 -16.93 5.92 -15.46
CA GLY A 61 -16.80 6.91 -16.52
C GLY A 61 -15.56 6.78 -17.40
N GLU A 62 -14.82 5.68 -17.27
CA GLU A 62 -13.66 5.42 -18.11
C GLU A 62 -13.60 3.95 -18.48
N ASP A 63 -13.01 3.67 -19.64
N ASP A 63 -13.04 3.67 -19.65
CA ASP A 63 -12.74 2.32 -20.11
CA ASP A 63 -12.79 2.29 -20.09
C ASP A 63 -11.42 1.86 -19.53
C ASP A 63 -11.43 1.86 -19.53
N MET A 64 -11.35 1.84 -18.19
CA MET A 64 -10.12 1.61 -17.45
C MET A 64 -10.50 0.90 -16.15
N TYR A 65 -9.49 0.29 -15.52
CA TYR A 65 -9.62 -0.40 -14.23
C TYR A 65 -8.58 0.09 -13.22
N LEU A 66 -9.07 0.32 -12.01
CA LEU A 66 -8.22 0.53 -10.84
C LEU A 66 -7.56 -0.79 -10.44
N ILE A 67 -6.24 -0.77 -10.25
CA ILE A 67 -5.57 -1.92 -9.65
C ILE A 67 -5.83 -1.81 -8.16
N VAL A 68 -6.59 -2.78 -7.63
CA VAL A 68 -6.82 -2.90 -6.18
C VAL A 68 -5.68 -3.67 -5.53
N ASP A 69 -5.34 -4.82 -6.12
CA ASP A 69 -4.20 -5.62 -5.70
C ASP A 69 -3.53 -6.12 -6.96
N GLY A 70 -2.23 -5.85 -7.07
CA GLY A 70 -1.44 -6.32 -8.19
C GLY A 70 -0.50 -5.35 -8.87
N HIS A 71 -0.01 -4.33 -8.18
CA HIS A 71 0.86 -3.32 -8.82
C HIS A 71 2.15 -3.90 -9.38
N HIS A 72 2.77 -4.81 -8.65
CA HIS A 72 4.08 -5.35 -9.06
C HIS A 72 3.96 -6.48 -10.08
N ARG A 73 2.87 -7.27 -10.00
CA ARG A 73 2.47 -8.15 -11.11
C ARG A 73 2.26 -7.35 -12.40
N TRP A 74 1.47 -6.28 -12.30
CA TRP A 74 1.19 -5.41 -13.44
C TRP A 74 2.48 -4.82 -14.01
N ALA A 75 3.24 -4.12 -13.16
CA ALA A 75 4.45 -3.44 -13.59
C ALA A 75 5.52 -4.43 -14.09
N GLY A 76 5.58 -5.60 -13.45
CA GLY A 76 6.50 -6.67 -13.86
C GLY A 76 6.16 -7.28 -15.21
N LEU A 77 4.89 -7.59 -15.43
CA LEU A 77 4.49 -8.06 -16.75
C LEU A 77 4.80 -7.05 -17.87
N GLN A 78 4.54 -5.77 -17.60
CA GLN A 78 4.87 -4.71 -18.56
C GLN A 78 6.34 -4.67 -18.92
N LYS A 79 7.21 -4.78 -17.92
CA LYS A 79 8.65 -4.70 -18.13
C LYS A 79 9.18 -5.93 -18.89
N LEU A 80 8.46 -7.04 -18.78
CA LEU A 80 8.76 -8.25 -19.53
C LEU A 80 8.21 -8.19 -20.95
N GLY A 81 7.39 -7.19 -21.26
CA GLY A 81 6.81 -7.01 -22.61
C GLY A 81 5.46 -7.68 -22.79
N ALA A 82 4.89 -8.23 -21.72
CA ALA A 82 3.58 -8.87 -21.80
C ALA A 82 2.49 -7.82 -22.04
N LYS A 83 1.31 -8.28 -22.44
CA LYS A 83 0.20 -7.39 -22.80
C LYS A 83 -1.06 -7.46 -21.91
N ARG A 84 -1.30 -8.59 -21.27
CA ARG A 84 -2.49 -8.75 -20.44
C ARG A 84 -2.17 -9.52 -19.15
N ALA A 85 -3.14 -9.52 -18.25
CA ALA A 85 -3.06 -10.33 -17.04
C ALA A 85 -4.42 -10.92 -16.68
N PRO A 86 -4.44 -12.18 -16.15
CA PRO A 86 -5.72 -12.69 -15.68
C PRO A 86 -6.10 -11.92 -14.44
N SER A 87 -7.37 -11.53 -14.39
CA SER A 87 -7.85 -10.57 -13.42
C SER A 87 -9.20 -11.00 -12.89
N VAL A 88 -9.48 -10.60 -11.65
CA VAL A 88 -10.83 -10.73 -11.07
C VAL A 88 -11.37 -9.32 -10.86
N ILE A 89 -12.58 -9.09 -11.34
CA ILE A 89 -13.20 -7.79 -11.26
C ILE A 89 -14.08 -7.77 -10.01
N LEU A 90 -13.75 -6.86 -9.09
CA LEU A 90 -14.45 -6.71 -7.81
C LEU A 90 -15.62 -5.77 -7.89
N ASP A 91 -16.62 -6.05 -7.05
CA ASP A 91 -17.65 -5.06 -6.75
C ASP A 91 -17.06 -4.16 -5.66
N TYR A 92 -16.29 -3.16 -6.09
CA TYR A 92 -15.43 -2.38 -5.20
C TYR A 92 -16.20 -1.53 -4.19
N PHE A 93 -17.30 -0.92 -4.61
CA PHE A 93 -18.09 -0.06 -3.72
C PHE A 93 -19.12 -0.82 -2.90
N SER A 94 -19.12 -2.15 -3.00
CA SER A 94 -19.87 -2.98 -2.05
C SER A 94 -19.35 -2.70 -0.65
N ASP A 95 -20.28 -2.71 0.30
CA ASP A 95 -19.97 -2.57 1.71
C ASP A 95 -19.06 -3.71 2.23
N ASP A 96 -19.03 -4.82 1.48
CA ASP A 96 -18.18 -5.99 1.81
C ASP A 96 -16.68 -5.72 1.61
N VAL A 97 -16.33 -4.69 0.84
CA VAL A 97 -14.93 -4.29 0.63
C VAL A 97 -14.62 -3.11 1.54
N LYS A 98 -13.50 -3.20 2.24
CA LYS A 98 -13.06 -2.16 3.18
C LYS A 98 -11.64 -1.72 2.82
N VAL A 99 -11.35 -0.44 3.03
CA VAL A 99 -10.02 0.11 2.81
C VAL A 99 -9.49 0.74 4.09
N TYR A 100 -8.43 0.16 4.63
CA TYR A 100 -7.74 0.72 5.78
C TYR A 100 -6.40 1.24 5.31
N THR A 101 -5.52 1.61 6.25
CA THR A 101 -4.15 1.99 5.92
C THR A 101 -3.17 1.11 6.66
N TRP A 102 -1.89 1.35 6.41
CA TRP A 102 -0.84 0.69 7.16
C TRP A 102 -0.32 1.71 8.15
N TYR A 103 0.21 1.20 9.26
CA TYR A 103 0.78 2.03 10.30
C TYR A 103 2.27 1.70 10.37
N PRO A 104 3.10 2.44 9.60
CA PRO A 104 4.54 2.23 9.68
C PRO A 104 5.06 2.53 11.07
N ALA A 105 5.67 1.52 11.69
CA ALA A 105 6.21 1.62 13.05
C ALA A 105 7.68 1.28 13.01
N PHE A 106 8.42 1.77 14.01
CA PHE A 106 9.86 1.57 14.06
C PHE A 106 10.37 1.47 15.50
N LYS A 107 11.25 0.48 15.74
CA LYS A 107 12.11 0.46 16.92
C LYS A 107 13.43 1.07 16.48
N GLY A 108 13.91 2.05 17.25
CA GLY A 108 15.08 2.84 16.86
C GLY A 108 15.06 4.24 17.42
N ASP A 109 16.01 5.07 16.95
CA ASP A 109 16.29 6.40 17.51
C ASP A 109 15.60 7.53 16.76
N LEU A 110 14.75 8.29 17.47
CA LEU A 110 13.91 9.35 16.87
C LEU A 110 14.66 10.48 16.17
N ASN A 111 15.85 10.83 16.68
CA ASN A 111 16.55 12.05 16.24
C ASN A 111 17.14 12.00 14.84
N GLU A 112 17.69 10.83 14.47
CA GLU A 112 18.19 10.62 13.10
C GLU A 112 17.05 10.72 12.08
N VAL A 113 15.88 10.21 12.44
CA VAL A 113 14.68 10.30 11.60
C VAL A 113 14.17 11.74 11.46
N VAL A 114 14.21 12.50 12.55
CA VAL A 114 13.79 13.91 12.54
C VAL A 114 14.66 14.77 11.61
N GLU A 115 15.97 14.63 11.73
CA GLU A 115 16.94 15.31 10.87
C GLU A 115 16.76 14.96 9.38
N ARG A 116 16.53 13.68 9.10
CA ARG A 116 16.25 13.21 7.74
C ARG A 116 14.87 13.69 7.23
N LEU A 117 13.88 13.76 8.13
CA LEU A 117 12.55 14.29 7.78
C LEU A 117 12.59 15.81 7.58
N LYS A 118 13.19 16.51 8.53
CA LYS A 118 13.37 17.96 8.47
C LYS A 118 14.15 18.41 7.22
N LYS A 119 15.17 17.63 6.85
CA LYS A 119 16.00 17.94 5.68
C LYS A 119 15.26 17.84 4.33
N GLU A 120 14.17 17.07 4.28
CA GLU A 120 13.32 17.00 3.09
C GLU A 120 12.22 18.07 3.03
N GLY A 121 12.19 19.00 3.98
CA GLY A 121 11.21 20.09 4.02
C GLY A 121 10.02 19.92 4.97
N LEU A 122 9.90 18.75 5.60
CA LEU A 122 8.81 18.48 6.54
C LEU A 122 9.07 19.12 7.91
N GLU A 123 7.99 19.46 8.61
CA GLU A 123 8.07 19.92 10.00
C GLU A 123 7.69 18.77 10.93
N VAL A 124 8.23 18.78 12.15
CA VAL A 124 7.84 17.82 13.20
C VAL A 124 7.62 18.60 14.51
N ILE A 125 6.47 19.27 14.59
CA ILE A 125 6.09 20.03 15.77
C ILE A 125 5.54 19.08 16.83
N GLU A 126 6.04 19.20 18.06
CA GLU A 126 5.52 18.41 19.18
C GLU A 126 4.08 18.83 19.45
N ASP A 127 3.19 17.85 19.65
CA ASP A 127 1.76 18.09 19.72
C ASP A 127 1.03 16.88 20.34
N PRO A 128 0.44 17.03 21.54
CA PRO A 128 -0.31 15.91 22.15
C PRO A 128 -1.68 15.59 21.52
N GLU A 129 -2.15 16.40 20.57
CA GLU A 129 -3.34 16.10 19.77
C GLU A 129 -3.00 15.59 18.36
N ALA A 130 -1.71 15.31 18.10
CA ALA A 130 -1.23 14.91 16.78
C ALA A 130 -1.98 13.71 16.20
N GLU A 131 -2.12 12.65 17.00
CA GLU A 131 -2.88 11.45 16.61
C GLU A 131 -4.34 11.77 16.28
N GLU A 132 -4.95 12.61 17.12
CA GLU A 132 -6.32 13.09 16.91
C GLU A 132 -6.46 13.90 15.62
N LYS A 133 -5.53 14.82 15.38
CA LYS A 133 -5.51 15.62 14.14
C LYS A 133 -5.31 14.75 12.89
N ALA A 134 -4.40 13.78 12.99
CA ALA A 134 -4.08 12.88 11.87
C ALA A 134 -5.27 12.02 11.47
N GLU A 135 -5.99 11.47 12.45
CA GLU A 135 -7.15 10.60 12.19
C GLU A 135 -8.33 11.35 11.56
N ARG A 136 -8.46 12.64 11.88
CA ARG A 136 -9.43 13.52 11.22
C ARG A 136 -8.98 13.93 9.82
N GLY A 137 -7.69 13.72 9.51
CA GLY A 137 -7.12 14.02 8.21
C GLY A 137 -6.67 15.47 8.09
N GLU A 138 -6.28 16.07 9.22
CA GLU A 138 -5.94 17.49 9.29
C GLU A 138 -4.44 17.76 9.15
N ILE A 139 -3.63 16.72 9.39
CA ILE A 139 -2.17 16.73 9.19
C ILE A 139 -1.76 15.50 8.41
N ALA A 140 -0.52 15.49 7.93
CA ALA A 140 -0.02 14.42 7.05
C ALA A 140 0.22 13.13 7.82
N PHE A 141 0.91 13.26 8.95
CA PHE A 141 1.18 12.15 9.85
C PHE A 141 1.28 12.64 11.30
N ALA A 142 0.81 11.80 12.22
CA ALA A 142 1.19 11.90 13.62
C ALA A 142 2.33 10.92 13.84
N LEU A 143 3.38 11.36 14.53
CA LEU A 143 4.51 10.51 14.90
C LEU A 143 4.47 10.29 16.41
N VAL A 144 4.03 9.10 16.82
CA VAL A 144 3.72 8.80 18.22
C VAL A 144 4.71 7.76 18.79
N GLY A 145 5.50 8.20 19.77
CA GLY A 145 6.37 7.31 20.55
C GLY A 145 6.33 7.70 22.02
N GLU A 146 7.51 7.95 22.60
CA GLU A 146 7.61 8.51 23.94
C GLU A 146 6.95 9.89 24.01
N LYS A 147 7.10 10.67 22.93
CA LYS A 147 6.37 11.93 22.74
C LYS A 147 5.52 11.87 21.46
N SER A 148 4.57 12.79 21.34
CA SER A 148 3.68 12.91 20.18
C SER A 148 4.05 14.13 19.34
N PHE A 149 4.21 13.94 18.03
CA PHE A 149 4.62 14.99 17.11
C PHE A 149 3.70 15.04 15.90
N ALA A 150 3.32 16.24 15.48
CA ALA A 150 2.51 16.44 14.28
C ALA A 150 3.42 16.73 13.09
N ILE A 151 3.17 16.06 11.97
CA ILE A 151 3.86 16.35 10.70
C ILE A 151 2.80 16.94 9.77
N PRO A 152 2.81 18.27 9.58
CA PRO A 152 1.71 18.89 8.84
C PRO A 152 1.76 18.64 7.34
N GLY A 153 0.66 18.94 6.67
CA GLY A 153 0.55 18.88 5.22
C GLY A 153 -0.43 17.84 4.74
N GLY A 154 -0.32 17.50 3.45
CA GLY A 154 -1.17 16.51 2.80
C GLY A 154 -0.34 15.43 2.13
N LEU A 155 -0.75 15.02 0.93
CA LEU A 155 -0.13 13.88 0.24
C LEU A 155 1.34 14.07 -0.08
N GLU A 156 1.70 15.26 -0.56
CA GLU A 156 3.09 15.56 -0.90
C GLU A 156 4.00 15.30 0.31
N GLU A 157 3.57 15.75 1.49
CA GLU A 157 4.34 15.56 2.73
C GLU A 157 4.35 14.11 3.20
N GLN A 158 3.21 13.43 3.08
CA GLN A 158 3.10 11.98 3.35
C GLN A 158 4.10 11.17 2.52
N LYS A 159 4.22 11.50 1.23
CA LYS A 159 5.16 10.81 0.33
C LYS A 159 6.61 11.00 0.75
N LYS A 160 6.94 12.23 1.13
CA LYS A 160 8.28 12.54 1.63
C LYS A 160 8.59 11.69 2.86
N VAL A 161 7.62 11.57 3.77
CA VAL A 161 7.76 10.74 4.98
C VAL A 161 8.01 9.27 4.62
N SER A 162 7.22 8.73 3.70
CA SER A 162 7.42 7.36 3.22
C SER A 162 8.80 7.17 2.58
N LYS A 163 9.23 8.14 1.77
CA LYS A 163 10.52 8.09 1.07
C LYS A 163 11.70 8.04 2.03
N VAL A 164 11.60 8.83 3.10
CA VAL A 164 12.63 8.84 4.15
C VAL A 164 12.63 7.51 4.90
N LEU A 165 11.47 7.06 5.39
CA LEU A 165 11.39 5.81 6.15
C LEU A 165 11.95 4.58 5.43
N ASP A 166 11.67 4.48 4.14
CA ASP A 166 12.15 3.35 3.33
C ASP A 166 13.67 3.37 3.11
N GLU A 167 14.25 4.56 3.01
CA GLU A 167 15.72 4.70 2.92
C GLU A 167 16.41 4.27 4.21
N MET A 168 15.87 4.69 5.35
CA MET A 168 16.40 4.33 6.66
C MET A 168 16.15 2.87 7.04
N SER A 169 15.08 2.29 6.51
CA SER A 169 14.87 0.83 6.55
C SER A 169 15.90 0.11 5.66
N VAL A 170 16.19 0.70 4.51
CA VAL A 170 17.28 0.23 3.64
C VAL A 170 18.65 0.33 4.33
N GLU A 171 18.89 1.46 5.01
CA GLU A 171 20.16 1.71 5.71
C GLU A 171 20.36 0.88 6.98
N GLY A 172 19.28 0.37 7.56
CA GLY A 172 19.33 -0.42 8.79
C GLY A 172 19.31 0.40 10.08
N LYS A 173 18.94 1.68 9.97
CA LYS A 173 18.87 2.60 11.11
C LYS A 173 17.55 2.50 11.88
N ILE A 174 16.57 1.78 11.33
CA ILE A 174 15.34 1.46 12.05
C ILE A 174 14.87 0.04 11.70
N GLU A 175 14.07 -0.54 12.59
CA GLU A 175 13.38 -1.82 12.33
C GLU A 175 11.96 -1.51 11.85
N LEU A 176 11.84 -1.21 10.56
CA LEU A 176 10.57 -0.74 9.98
C LEU A 176 9.58 -1.91 9.78
N ILE A 177 8.52 -1.92 10.59
CA ILE A 177 7.40 -2.85 10.44
C ILE A 177 6.10 -2.08 10.13
N TYR A 178 5.44 -2.44 9.03
CA TYR A 178 4.12 -1.91 8.71
C TYR A 178 3.06 -2.73 9.42
N TYR A 179 2.37 -2.12 10.38
CA TYR A 179 1.28 -2.78 11.10
C TYR A 179 -0.05 -2.56 10.40
N GLY A 180 -0.85 -3.63 10.31
CA GLY A 180 -2.21 -3.54 9.80
C GLY A 180 -3.10 -2.66 10.66
N LEU A 181 -3.06 -2.90 11.97
CA LEU A 181 -3.81 -2.10 12.93
C LEU A 181 -2.86 -1.41 13.91
N LYS A 182 -3.13 -0.14 14.20
CA LYS A 182 -2.25 0.69 15.05
C LYS A 182 -2.26 0.25 16.51
N GLU A 183 -3.38 -0.31 16.97
CA GLU A 183 -3.48 -0.86 18.33
C GLU A 183 -2.55 -2.06 18.53
N ASP A 184 -2.27 -2.81 17.47
CA ASP A 184 -1.26 -3.88 17.51
C ASP A 184 0.17 -3.28 17.58
N ALA A 185 0.37 -2.14 16.91
CA ALA A 185 1.60 -1.35 17.08
C ALA A 185 1.75 -0.78 18.50
N ARG A 186 0.63 -0.40 19.11
CA ARG A 186 0.62 0.05 20.52
C ARG A 186 0.72 -1.12 21.52
N GLU A 187 0.17 -2.28 21.17
CA GLU A 187 0.33 -3.49 21.99
C GLU A 187 1.79 -3.93 22.00
N ASP A 188 2.40 -4.02 20.81
CA ASP A 188 3.84 -4.32 20.70
C ASP A 188 4.70 -3.19 21.27
N MET A 189 4.25 -1.94 21.12
CA MET A 189 4.90 -0.77 21.76
C MET A 189 5.00 -0.92 23.27
N ALA A 190 3.94 -1.42 23.90
CA ALA A 190 3.91 -1.67 25.35
C ALA A 190 4.87 -2.79 25.78
N LYS A 191 5.12 -3.75 24.89
CA LYS A 191 6.19 -4.73 25.07
C LYS A 191 7.59 -4.11 25.04
N GLY A 192 7.75 -2.97 24.35
CA GLY A 192 8.99 -2.18 24.39
C GLY A 192 10.07 -2.74 23.48
N ILE A 194 8.13 -1.53 20.23
CA ILE A 194 8.38 -0.50 19.22
C ILE A 194 8.68 0.87 19.85
N ASP A 195 9.36 1.72 19.09
CA ASP A 195 9.78 3.06 19.54
C ASP A 195 8.82 4.16 19.08
N TYR A 196 8.51 4.19 17.78
CA TYR A 196 7.61 5.20 17.21
C TYR A 196 6.66 4.58 16.17
N VAL A 197 5.49 5.18 16.02
CA VAL A 197 4.45 4.72 15.09
C VAL A 197 3.86 5.90 14.32
N PHE A 198 3.79 5.78 13.00
CA PHE A 198 3.22 6.81 12.13
C PHE A 198 1.75 6.51 11.84
N ILE A 199 0.91 7.52 12.00
CA ILE A 199 -0.53 7.37 11.85
C ILE A 199 -1.05 8.45 10.89
N ARG A 200 -1.73 8.01 9.83
CA ARG A 200 -2.48 8.90 8.94
C ARG A 200 -3.91 8.40 8.88
N LYS A 201 -4.81 9.27 8.43
CA LYS A 201 -6.17 8.84 8.13
C LYS A 201 -6.11 7.87 6.95
N ALA A 202 -6.93 6.82 7.02
CA ALA A 202 -7.07 5.86 5.95
C ALA A 202 -7.69 6.54 4.73
N PRO A 203 -7.24 6.18 3.52
CA PRO A 203 -7.96 6.56 2.31
C PRO A 203 -9.38 5.98 2.28
N THR A 204 -10.34 6.75 1.78
CA THR A 204 -11.64 6.20 1.35
C THR A 204 -11.51 5.61 -0.05
N LYS A 205 -12.39 4.67 -0.38
CA LYS A 205 -12.52 4.13 -1.74
C LYS A 205 -12.68 5.22 -2.78
N GLU A 206 -13.50 6.22 -2.44
CA GLU A 206 -13.80 7.34 -3.33
C GLU A 206 -12.53 8.18 -3.60
N GLU A 207 -11.74 8.40 -2.57
CA GLU A 207 -10.45 9.10 -2.71
C GLU A 207 -9.46 8.33 -3.56
N VAL A 208 -9.41 7.01 -3.39
CA VAL A 208 -8.52 6.15 -4.19
C VAL A 208 -8.89 6.31 -5.68
N MET A 209 -10.19 6.26 -5.96
CA MET A 209 -10.67 6.38 -7.33
C MET A 209 -10.41 7.78 -7.90
N GLU A 210 -10.66 8.82 -7.11
CA GLU A 210 -10.36 10.21 -7.48
C GLU A 210 -8.88 10.37 -7.83
N LEU A 211 -8.01 9.85 -6.96
CA LEU A 211 -6.57 9.98 -7.15
C LEU A 211 -6.12 9.39 -8.48
N VAL A 212 -6.59 8.18 -8.81
CA VAL A 212 -6.23 7.58 -10.11
C VAL A 212 -6.85 8.29 -11.32
N LYS A 213 -8.06 8.84 -11.18
CA LYS A 213 -8.64 9.65 -12.27
C LYS A 213 -7.84 10.94 -12.50
N ARG A 214 -7.21 11.46 -11.44
CA ARG A 214 -6.26 12.59 -11.56
C ARG A 214 -4.89 12.20 -12.17
N GLY A 215 -4.63 10.92 -12.38
CA GLY A 215 -3.30 10.44 -12.75
C GLY A 215 -2.29 10.54 -11.60
N GLU A 216 -2.77 10.47 -10.36
CA GLU A 216 -1.88 10.54 -9.20
C GLU A 216 -1.82 9.17 -8.51
N VAL A 217 -0.81 8.99 -7.66
CA VAL A 217 -0.62 7.76 -6.89
C VAL A 217 -0.22 8.06 -5.44
N TYR A 218 -0.57 7.14 -4.55
CA TYR A 218 -0.11 7.17 -3.15
C TYR A 218 1.31 6.61 -3.06
N SER A 219 1.95 6.83 -1.92
CA SER A 219 3.17 6.09 -1.57
C SER A 219 2.86 4.60 -1.44
N PRO A 220 3.91 3.76 -1.36
CA PRO A 220 3.63 2.36 -1.05
C PRO A 220 3.07 2.22 0.38
N LYS A 221 2.34 1.15 0.62
CA LYS A 221 1.76 0.83 1.92
C LYS A 221 0.88 1.96 2.48
N THR A 222 0.04 2.54 1.62
CA THR A 222 -0.90 3.58 2.00
C THR A 222 -2.29 2.96 2.14
N THR A 223 -2.72 2.24 1.11
CA THR A 223 -3.97 1.48 1.14
C THR A 223 -3.76 0.10 1.77
N ARG A 224 -4.78 -0.39 2.45
CA ARG A 224 -4.78 -1.76 2.96
C ARG A 224 -6.19 -2.27 2.82
N HIS A 225 -6.45 -2.97 1.73
CA HIS A 225 -7.79 -3.45 1.41
C HIS A 225 -8.07 -4.74 2.14
N VAL A 226 -9.19 -4.78 2.85
CA VAL A 226 -9.77 -6.01 3.38
C VAL A 226 -10.96 -6.40 2.50
N LEU A 227 -10.79 -7.51 1.78
CA LEU A 227 -11.76 -7.98 0.80
C LEU A 227 -12.62 -9.14 1.35
N PRO A 228 -13.82 -9.34 0.76
CA PRO A 228 -14.65 -10.47 1.18
C PRO A 228 -14.12 -11.86 0.80
N PHE A 229 -13.12 -11.92 -0.09
CA PHE A 229 -12.54 -13.20 -0.47
C PHE A 229 -11.15 -13.03 -1.08
N ASN A 230 -10.35 -14.10 -1.02
CA ASN A 230 -9.15 -14.24 -1.85
C ASN A 230 -9.50 -15.17 -3.02
N PRO A 231 -9.18 -14.77 -4.26
CA PRO A 231 -9.52 -15.72 -5.32
C PRO A 231 -8.71 -17.00 -5.18
N ASP A 232 -9.29 -18.12 -5.55
CA ASP A 232 -8.52 -19.35 -5.64
C ASP A 232 -7.40 -19.22 -6.71
N LYS A 233 -6.36 -20.04 -6.58
CA LYS A 233 -5.23 -20.02 -7.50
C LYS A 233 -5.66 -20.49 -8.89
N ILE A 234 -4.99 -19.95 -9.91
CA ILE A 234 -5.36 -20.22 -11.31
C ILE A 234 -4.22 -20.85 -12.10
N ASP A 235 -4.57 -21.44 -13.24
CA ASP A 235 -3.65 -22.16 -14.11
C ASP A 235 -3.53 -21.37 -15.41
N VAL A 236 -2.59 -20.44 -15.43
CA VAL A 236 -2.30 -19.62 -16.61
C VAL A 236 -0.80 -19.65 -16.83
N LYS A 237 -0.40 -19.89 -18.07
CA LYS A 237 1.00 -19.96 -18.47
C LYS A 237 1.44 -18.55 -18.83
N LEU A 238 2.66 -18.18 -18.45
CA LEU A 238 3.25 -16.88 -18.81
C LEU A 238 3.10 -16.55 -20.29
N GLU A 239 3.30 -17.55 -21.15
CA GLU A 239 3.21 -17.38 -22.62
C GLU A 239 1.84 -16.86 -23.10
N GLU A 240 0.79 -17.14 -22.32
CA GLU A 240 -0.54 -16.62 -22.64
C GLU A 240 -0.70 -15.10 -22.49
N LEU A 241 0.28 -14.43 -21.88
CA LEU A 241 0.13 -13.03 -21.51
C LEU A 241 0.73 -12.06 -22.51
N PHE A 242 1.39 -12.58 -23.54
CA PHE A 242 2.04 -11.76 -24.54
C PHE A 242 1.16 -11.59 -25.76
#